data_3VUR
#
_entry.id   3VUR
#
_cell.length_a   57.410
_cell.length_b   57.410
_cell.length_c   209.665
_cell.angle_alpha   90.00
_cell.angle_beta   90.00
_cell.angle_gamma   120.00
#
_symmetry.space_group_name_H-M   'P 65 2 2'
#
loop_
_entity.id
_entity.type
_entity.pdbx_description
1 polymer 'Glutathione S-transferase sigma'
2 non-polymer 'PENTAETHYLENE GLYCOL'
3 non-polymer 'GLUTATHIONE SULFONIC ACID'
4 water water
#
_entity_poly.entity_id   1
_entity_poly.type   'polypeptide(L)'
_entity_poly.pdbx_seq_one_letter_code
;MPNVKFYYFPVKALGESQRLLLAYGGQEFEDNRISSENWPEFKPKTPFGQMPVLEIDGKQYAQSTAICRYLGRKYGLAGA
NDEEAFEIDQNVEFLNDIRASAASVHYEKDEAVKAKKKAELEETKYPFFFEKLNEILTKNNGHIALGKLTWGDFVYAGMY
DYLKAMLQKPDLEQKYPAFRKPIEAVLAIPKVKAYVDAAPRTEL
;
_entity_poly.pdbx_strand_id   A
#
# COMPACT_ATOMS: atom_id res chain seq x y z
N PRO A 2 0.82 -22.67 -7.92
CA PRO A 2 1.54 -21.93 -9.00
C PRO A 2 2.95 -21.57 -8.56
N ASN A 3 3.84 -21.36 -9.53
CA ASN A 3 5.18 -20.87 -9.25
C ASN A 3 5.12 -19.34 -9.25
N VAL A 4 5.37 -18.73 -8.09
CA VAL A 4 5.17 -17.29 -7.93
C VAL A 4 6.46 -16.59 -7.49
N LYS A 5 6.79 -15.51 -8.19
CA LYS A 5 7.95 -14.68 -7.89
C LYS A 5 7.49 -13.24 -7.82
N PHE A 6 7.95 -12.49 -6.84
CA PHE A 6 7.62 -11.08 -6.72
C PHE A 6 8.87 -10.26 -6.79
N TYR A 7 8.89 -9.26 -7.66
CA TYR A 7 10.02 -8.37 -7.85
C TYR A 7 9.67 -6.95 -7.45
N TYR A 8 10.42 -6.38 -6.49
CA TYR A 8 10.28 -5.00 -6.11
C TYR A 8 11.58 -4.55 -5.46
N PHE A 9 11.68 -3.25 -5.18
CA PHE A 9 12.82 -2.73 -4.44
C PHE A 9 12.81 -3.22 -3.01
N PRO A 10 13.95 -3.07 -2.30
CA PRO A 10 14.02 -3.52 -0.91
C PRO A 10 13.47 -2.44 -0.01
N VAL A 11 12.16 -2.30 -0.06
CA VAL A 11 11.43 -1.28 0.67
C VAL A 11 9.97 -1.77 0.69
N LYS A 12 9.17 -1.21 1.57
CA LYS A 12 7.75 -1.55 1.58
C LYS A 12 6.98 -0.72 0.53
N ALA A 13 6.97 0.59 0.72
CA ALA A 13 6.36 1.57 -0.19
C ALA A 13 5.15 1.01 -0.92
N LEU A 14 5.20 0.83 -2.23
CA LEU A 14 4.04 0.41 -3.02
C LEU A 14 3.88 -1.09 -3.22
N GLY A 15 4.91 -1.85 -2.89
CA GLY A 15 4.94 -3.27 -3.17
C GLY A 15 4.59 -4.15 -2.00
N GLU A 16 4.71 -3.65 -0.78
CA GLU A 16 4.50 -4.47 0.41
C GLU A 16 3.09 -5.04 0.48
N SER A 17 2.09 -4.30 -0.01
CA SER A 17 0.72 -4.77 0.02
C SER A 17 0.58 -6.10 -0.73
N GLN A 18 1.32 -6.26 -1.83
CA GLN A 18 1.26 -7.51 -2.58
C GLN A 18 1.90 -8.64 -1.79
N ARG A 19 3.02 -8.35 -1.14
CA ARG A 19 3.68 -9.37 -0.31
C ARG A 19 2.74 -9.84 0.79
N LEU A 20 2.09 -8.89 1.45
CA LEU A 20 1.14 -9.19 2.54
C LEU A 20 -0.03 -10.01 2.03
N LEU A 21 -0.55 -9.70 0.84
CA LEU A 21 -1.68 -10.43 0.27
C LEU A 21 -1.25 -11.87 -0.05
N LEU A 22 -0.09 -12.05 -0.67
CA LEU A 22 0.40 -13.40 -0.97
C LEU A 22 0.51 -14.22 0.33
N ALA A 23 1.01 -13.58 1.39
CA ALA A 23 1.11 -14.25 2.70
C ALA A 23 -0.28 -14.65 3.18
N TYR A 24 -1.24 -13.74 3.09
CA TYR A 24 -2.62 -14.01 3.47
C TYR A 24 -3.17 -15.23 2.75
N GLY A 25 -2.92 -15.31 1.46
CA GLY A 25 -3.50 -16.39 0.68
C GLY A 25 -2.70 -17.69 0.81
N GLY A 26 -1.66 -17.71 1.63
CA GLY A 26 -0.88 -18.93 1.85
C GLY A 26 -0.09 -19.32 0.61
N GLN A 27 0.27 -18.33 -0.20
CA GLN A 27 1.02 -18.58 -1.42
C GLN A 27 2.50 -18.44 -1.16
N GLU A 28 3.23 -19.54 -1.29
CA GLU A 28 4.68 -19.48 -1.31
C GLU A 28 5.15 -18.65 -2.51
N PHE A 29 6.13 -17.81 -2.28
CA PHE A 29 6.67 -16.97 -3.36
C PHE A 29 8.11 -16.61 -3.13
N GLU A 30 8.83 -16.43 -4.23
CA GLU A 30 10.20 -15.91 -4.19
C GLU A 30 10.09 -14.40 -4.03
N ASP A 31 10.52 -13.85 -2.91
CA ASP A 31 10.46 -12.41 -2.63
C ASP A 31 11.77 -11.81 -3.07
N ASN A 32 11.84 -11.42 -4.34
CA ASN A 32 13.06 -10.91 -4.94
C ASN A 32 13.18 -9.41 -4.79
N ARG A 33 14.03 -8.99 -3.87
CA ARG A 33 14.20 -7.58 -3.53
C ARG A 33 15.40 -7.07 -4.31
N ILE A 34 15.12 -6.37 -5.40
CA ILE A 34 16.13 -5.96 -6.35
C ILE A 34 16.64 -4.59 -5.96
N SER A 35 17.94 -4.48 -5.73
CA SER A 35 18.53 -3.21 -5.36
C SER A 35 18.54 -2.21 -6.50
N SER A 36 18.69 -0.95 -6.17
CA SER A 36 18.82 0.09 -7.17
C SER A 36 19.99 -0.21 -8.10
N GLU A 37 21.08 -0.78 -7.58
CA GLU A 37 22.26 -1.02 -8.36
C GLU A 37 22.01 -2.11 -9.38
N ASN A 38 21.22 -3.12 -9.02
CA ASN A 38 20.98 -4.23 -9.93
C ASN A 38 19.77 -4.03 -10.84
N TRP A 39 18.91 -3.09 -10.47
CA TRP A 39 17.64 -2.83 -11.16
C TRP A 39 17.79 -2.60 -12.69
N PRO A 40 18.81 -1.87 -13.16
CA PRO A 40 18.86 -1.64 -14.62
C PRO A 40 18.93 -2.86 -15.48
N GLU A 41 19.42 -3.98 -14.97
CA GLU A 41 19.41 -5.22 -15.73
C GLU A 41 17.98 -5.79 -15.92
N PHE A 42 17.12 -5.58 -14.93
CA PHE A 42 15.77 -6.15 -14.96
C PHE A 42 14.76 -5.21 -15.62
N LYS A 43 14.96 -3.92 -15.51
CA LYS A 43 14.05 -2.90 -16.03
C LYS A 43 13.51 -3.18 -17.44
N PRO A 44 14.38 -3.46 -18.43
CA PRO A 44 13.77 -3.68 -19.76
C PRO A 44 13.02 -5.03 -19.89
N LYS A 45 13.08 -5.88 -18.87
CA LYS A 45 12.37 -7.16 -18.86
C LYS A 45 11.00 -7.02 -18.22
N THR A 46 10.64 -5.82 -17.78
CA THR A 46 9.34 -5.60 -17.11
C THR A 46 8.32 -5.02 -18.07
N PRO A 47 7.02 -5.13 -17.75
CA PRO A 47 6.02 -4.63 -18.70
C PRO A 47 6.07 -3.13 -18.96
N PHE A 48 6.41 -2.31 -17.97
CA PHE A 48 6.38 -0.85 -18.13
C PHE A 48 7.65 -0.14 -17.67
N GLY A 49 8.70 -0.89 -17.44
CA GLY A 49 9.95 -0.32 -16.97
C GLY A 49 9.96 0.09 -15.50
N GLN A 50 9.10 -0.56 -14.72
CA GLN A 50 8.96 -0.30 -13.29
C GLN A 50 8.77 -1.58 -12.52
N MET A 51 8.90 -1.46 -11.20
CA MET A 51 8.43 -2.50 -10.27
C MET A 51 7.41 -1.84 -9.35
N PRO A 52 6.48 -2.62 -8.77
CA PRO A 52 6.48 -4.09 -8.65
C PRO A 52 6.06 -4.86 -9.88
N VAL A 53 6.56 -6.08 -9.96
CA VAL A 53 6.09 -7.05 -10.93
C VAL A 53 5.88 -8.37 -10.20
N LEU A 54 4.71 -8.95 -10.38
CA LEU A 54 4.40 -10.28 -9.88
C LEU A 54 4.44 -11.24 -11.07
N GLU A 55 5.10 -12.37 -10.88
CA GLU A 55 5.16 -13.42 -11.91
C GLU A 55 4.48 -14.66 -11.40
N ILE A 56 3.52 -15.15 -12.18
CA ILE A 56 2.79 -16.36 -11.86
C ILE A 56 2.93 -17.32 -13.07
N ASP A 57 3.61 -18.43 -12.83
CA ASP A 57 3.83 -19.43 -13.87
C ASP A 57 4.41 -18.79 -15.13
N GLY A 58 5.39 -17.93 -14.92
CA GLY A 58 6.08 -17.26 -16.02
C GLY A 58 5.42 -16.01 -16.58
N LYS A 59 4.16 -15.74 -16.23
CA LYS A 59 3.43 -14.58 -16.74
C LYS A 59 3.56 -13.39 -15.80
N GLN A 60 3.84 -12.23 -16.38
CA GLN A 60 4.05 -11.03 -15.57
C GLN A 60 2.82 -10.19 -15.41
N TYR A 61 2.70 -9.66 -14.20
CA TYR A 61 1.59 -8.79 -13.80
C TYR A 61 2.24 -7.55 -13.23
N ALA A 62 1.97 -6.37 -13.77
CA ALA A 62 2.49 -5.12 -13.24
C ALA A 62 1.36 -4.22 -12.75
N GLN A 63 1.74 -3.12 -12.09
CA GLN A 63 0.86 -2.09 -11.57
C GLN A 63 0.27 -2.48 -10.24
N SER A 64 0.85 -1.92 -9.18
CA SER A 64 0.58 -2.31 -7.80
C SER A 64 -0.90 -2.46 -7.47
N THR A 65 -1.72 -1.48 -7.76
CA THR A 65 -3.12 -1.55 -7.34
C THR A 65 -3.81 -2.66 -8.11
N ALA A 66 -3.53 -2.78 -9.40
CA ALA A 66 -4.15 -3.81 -10.23
C ALA A 66 -3.79 -5.21 -9.69
N ILE A 67 -2.54 -5.38 -9.30
CA ILE A 67 -2.11 -6.66 -8.71
C ILE A 67 -2.84 -6.93 -7.41
N CYS A 68 -2.92 -5.91 -6.54
CA CYS A 68 -3.63 -6.12 -5.28
C CYS A 68 -5.09 -6.50 -5.48
N ARG A 69 -5.77 -5.86 -6.43
CA ARG A 69 -7.16 -6.17 -6.66
C ARG A 69 -7.32 -7.61 -7.18
N TYR A 70 -6.43 -8.00 -8.08
CA TYR A 70 -6.41 -9.38 -8.61
C TYR A 70 -6.22 -10.40 -7.49
N LEU A 71 -5.22 -10.19 -6.65
CA LEU A 71 -5.00 -11.09 -5.54
C LEU A 71 -6.16 -11.06 -4.58
N GLY A 72 -6.69 -9.88 -4.32
CA GLY A 72 -7.84 -9.74 -3.45
C GLY A 72 -9.00 -10.61 -3.89
N ARG A 73 -9.30 -10.59 -5.18
CA ARG A 73 -10.38 -11.42 -5.73
C ARG A 73 -10.03 -12.89 -5.55
N LYS A 74 -8.79 -13.29 -5.86
CA LYS A 74 -8.38 -14.69 -5.71
C LYS A 74 -8.53 -15.19 -4.28
N TYR A 75 -8.31 -14.31 -3.32
CA TYR A 75 -8.28 -14.71 -1.91
C TYR A 75 -9.56 -14.34 -1.14
N GLY A 76 -10.61 -13.90 -1.83
CA GLY A 76 -11.90 -13.67 -1.21
C GLY A 76 -12.03 -12.39 -0.44
N LEU A 77 -11.17 -11.41 -0.78
CA LEU A 77 -11.10 -10.14 -0.09
C LEU A 77 -11.59 -8.97 -0.95
N ALA A 78 -12.39 -9.25 -1.97
CA ALA A 78 -12.89 -8.21 -2.87
C ALA A 78 -14.40 -8.04 -2.84
N GLY A 79 -15.02 -8.45 -1.75
CA GLY A 79 -16.47 -8.32 -1.60
C GLY A 79 -17.21 -9.46 -2.25
N ALA A 80 -18.52 -9.44 -2.07
CA ALA A 80 -19.38 -10.52 -2.56
C ALA A 80 -20.12 -10.20 -3.86
N ASN A 81 -20.10 -8.94 -4.29
CA ASN A 81 -20.85 -8.53 -5.44
C ASN A 81 -20.22 -7.26 -5.95
N ASP A 82 -20.77 -6.76 -7.06
CA ASP A 82 -20.22 -5.61 -7.76
C ASP A 82 -20.22 -4.38 -6.90
N GLU A 83 -21.22 -4.23 -6.05
CA GLU A 83 -21.34 -3.02 -5.24
C GLU A 83 -20.27 -2.99 -4.16
N GLU A 84 -20.04 -4.13 -3.52
CA GLU A 84 -19.03 -4.23 -2.49
C GLU A 84 -17.64 -4.05 -3.11
N ALA A 85 -17.40 -4.66 -4.27
CA ALA A 85 -16.11 -4.54 -4.93
C ALA A 85 -15.87 -3.05 -5.29
N PHE A 86 -16.91 -2.37 -5.76
CA PHE A 86 -16.83 -0.97 -6.06
C PHE A 86 -16.39 -0.17 -4.85
N GLU A 87 -16.98 -0.43 -3.70
CA GLU A 87 -16.65 0.37 -2.53
C GLU A 87 -15.18 0.26 -2.16
N ILE A 88 -14.60 -0.95 -2.24
CA ILE A 88 -13.18 -1.09 -1.95
C ILE A 88 -12.37 -0.29 -2.95
N ASP A 89 -12.71 -0.39 -4.24
CA ASP A 89 -12.00 0.35 -5.28
C ASP A 89 -12.05 1.84 -4.95
N GLN A 90 -13.25 2.32 -4.66
CA GLN A 90 -13.48 3.74 -4.37
C GLN A 90 -12.57 4.22 -3.25
N ASN A 91 -12.57 3.48 -2.15
CA ASN A 91 -11.85 3.96 -0.97
C ASN A 91 -10.35 3.85 -1.14
N VAL A 92 -9.89 2.86 -1.91
CA VAL A 92 -8.48 2.75 -2.25
C VAL A 92 -8.05 3.90 -3.19
N GLU A 93 -8.95 4.32 -4.10
CA GLU A 93 -8.65 5.46 -4.99
C GLU A 93 -8.51 6.74 -4.14
N PHE A 94 -9.28 6.87 -3.07
CA PHE A 94 -9.11 7.98 -2.14
C PHE A 94 -7.73 7.90 -1.48
N LEU A 95 -7.32 6.73 -1.01
CA LEU A 95 -5.97 6.60 -0.45
C LEU A 95 -4.91 7.05 -1.43
N ASN A 96 -5.12 6.72 -2.70
CA ASN A 96 -4.17 7.12 -3.71
C ASN A 96 -4.08 8.65 -3.86
N ASP A 97 -5.19 9.35 -3.68
CA ASP A 97 -5.12 10.82 -3.70
C ASP A 97 -4.26 11.35 -2.55
N ILE A 98 -4.34 10.74 -1.38
CA ILE A 98 -3.50 11.18 -0.28
C ILE A 98 -2.03 10.93 -0.63
N ARG A 99 -1.75 9.71 -1.11
CA ARG A 99 -0.39 9.36 -1.46
C ARG A 99 0.18 10.28 -2.54
N ALA A 100 -0.59 10.55 -3.58
CA ALA A 100 -0.10 11.37 -4.67
C ALA A 100 0.19 12.79 -4.19
N SER A 101 -0.65 13.28 -3.29
CA SER A 101 -0.47 14.63 -2.77
C SER A 101 0.81 14.70 -1.93
N ALA A 102 0.98 13.75 -1.03
CA ALA A 102 2.17 13.73 -0.19
C ALA A 102 3.44 13.58 -1.05
N ALA A 103 3.35 12.77 -2.10
CA ALA A 103 4.51 12.54 -2.98
C ALA A 103 4.93 13.82 -3.69
N SER A 104 3.98 14.71 -3.96
CA SER A 104 4.29 15.97 -4.63
C SER A 104 5.18 16.84 -3.77
N VAL A 105 5.11 16.67 -2.46
CA VAL A 105 6.01 17.37 -1.53
C VAL A 105 7.31 16.58 -1.37
N HIS A 106 7.21 15.30 -1.05
CA HIS A 106 8.33 14.45 -0.68
C HIS A 106 9.41 14.44 -1.75
N TYR A 107 9.00 14.37 -3.02
CA TYR A 107 9.97 14.21 -4.11
C TYR A 107 10.43 15.51 -4.73
N GLU A 108 9.98 16.63 -4.18
CA GLU A 108 10.41 17.94 -4.66
C GLU A 108 11.88 18.17 -4.29
N LYS A 109 12.69 18.48 -5.30
CA LYS A 109 14.12 18.60 -5.11
C LYS A 109 14.55 20.00 -4.68
N ASP A 110 13.80 21.02 -5.09
CA ASP A 110 14.07 22.40 -4.65
C ASP A 110 13.42 22.64 -3.28
N GLU A 111 14.23 22.89 -2.26
CA GLU A 111 13.72 22.99 -0.89
C GLU A 111 12.83 24.19 -0.65
N ALA A 112 13.06 25.27 -1.39
CA ALA A 112 12.20 26.45 -1.25
C ALA A 112 10.82 26.12 -1.81
N VAL A 113 10.80 25.46 -2.96
CA VAL A 113 9.55 25.03 -3.59
C VAL A 113 8.84 23.98 -2.70
N LYS A 114 9.61 23.04 -2.17
CA LYS A 114 9.06 22.00 -1.29
C LYS A 114 8.36 22.62 -0.09
N ALA A 115 8.98 23.63 0.52
CA ALA A 115 8.40 24.30 1.68
C ALA A 115 7.08 24.99 1.33
N LYS A 116 7.02 25.59 0.15
CA LYS A 116 5.82 26.30 -0.26
C LYS A 116 4.71 25.29 -0.49
N LYS A 117 5.04 24.18 -1.15
CA LYS A 117 4.05 23.14 -1.45
C LYS A 117 3.52 22.53 -0.16
N LYS A 118 4.41 22.22 0.76
CA LYS A 118 4.04 21.61 2.00
C LYS A 118 3.05 22.52 2.74
N ALA A 119 3.38 23.80 2.83
CA ALA A 119 2.55 24.74 3.57
C ALA A 119 1.17 24.84 2.94
N GLU A 120 1.15 24.90 1.62
CA GLU A 120 -0.12 24.93 0.89
C GLU A 120 -0.97 23.71 1.19
N LEU A 121 -0.39 22.50 1.15
CA LEU A 121 -1.16 21.29 1.41
C LEU A 121 -1.60 21.22 2.84
N GLU A 122 -0.78 21.71 3.76
CA GLU A 122 -1.14 21.67 5.16
C GLU A 122 -2.37 22.52 5.47
N GLU A 123 -2.60 23.56 4.68
CA GLU A 123 -3.78 24.41 4.86
C GLU A 123 -4.96 24.00 3.99
N THR A 124 -4.73 23.36 2.85
CA THR A 124 -5.82 23.19 1.86
C THR A 124 -6.20 21.78 1.42
N LYS A 125 -5.41 20.77 1.73
CA LYS A 125 -5.77 19.41 1.39
C LYS A 125 -5.65 18.48 2.57
N TYR A 126 -4.53 18.53 3.28
CA TYR A 126 -4.27 17.55 4.33
C TYR A 126 -5.35 17.55 5.44
N PRO A 127 -5.83 18.73 5.91
CA PRO A 127 -6.83 18.67 6.99
C PRO A 127 -8.08 17.88 6.55
N PHE A 128 -8.47 18.07 5.31
CA PHE A 128 -9.60 17.38 4.73
C PHE A 128 -9.33 15.89 4.55
N PHE A 129 -8.15 15.54 4.05
CA PHE A 129 -7.80 14.13 3.92
C PHE A 129 -7.84 13.42 5.24
N PHE A 130 -7.30 14.03 6.29
CA PHE A 130 -7.20 13.31 7.55
C PHE A 130 -8.58 13.11 8.18
N GLU A 131 -9.45 14.11 8.07
CA GLU A 131 -10.77 13.99 8.62
C GLU A 131 -11.55 12.95 7.84
N LYS A 132 -11.39 12.93 6.52
CA LYS A 132 -12.09 11.95 5.69
C LYS A 132 -11.60 10.53 5.94
N LEU A 133 -10.30 10.36 6.11
CA LEU A 133 -9.77 9.04 6.42
C LEU A 133 -10.29 8.60 7.78
N ASN A 134 -10.34 9.50 8.75
CA ASN A 134 -10.88 9.18 10.07
C ASN A 134 -12.34 8.76 9.98
N GLU A 135 -13.13 9.46 9.18
CA GLU A 135 -14.51 9.08 8.95
C GLU A 135 -14.58 7.66 8.41
N ILE A 136 -13.83 7.37 7.36
CA ILE A 136 -13.90 6.07 6.70
C ILE A 136 -13.51 4.94 7.67
N LEU A 137 -12.41 5.11 8.37
CA LEU A 137 -11.94 4.08 9.28
C LEU A 137 -12.89 3.86 10.43
N THR A 138 -13.56 4.92 10.85
CA THR A 138 -14.51 4.79 11.94
C THR A 138 -15.81 4.14 11.47
N LYS A 139 -16.34 4.59 10.34
CA LYS A 139 -17.52 4.00 9.72
C LYS A 139 -17.34 2.51 9.48
N ASN A 140 -16.11 2.11 9.14
CA ASN A 140 -15.83 0.74 8.76
C ASN A 140 -15.16 -0.07 9.85
N ASN A 141 -15.29 0.39 11.09
CA ASN A 141 -14.88 -0.38 12.25
C ASN A 141 -13.42 -0.77 12.18
N GLY A 142 -12.57 0.19 11.82
CA GLY A 142 -11.13 -0.03 11.75
C GLY A 142 -10.60 -0.50 10.42
N HIS A 143 -11.45 -0.48 9.39
CA HIS A 143 -11.12 -0.98 8.06
C HIS A 143 -11.26 0.11 7.02
N ILE A 144 -10.67 -0.14 5.85
CA ILE A 144 -10.80 0.76 4.71
C ILE A 144 -12.16 0.69 4.05
N ALA A 145 -12.82 -0.48 4.06
CA ALA A 145 -14.07 -0.67 3.33
C ALA A 145 -14.87 -1.84 3.90
N LEU A 146 -16.17 -1.82 3.67
CA LEU A 146 -17.13 -2.90 3.97
C LEU A 146 -17.24 -3.29 5.44
N GLY A 147 -16.65 -2.52 6.34
CA GLY A 147 -16.70 -2.85 7.75
C GLY A 147 -15.95 -4.12 8.09
N LYS A 148 -15.08 -4.63 7.23
CA LYS A 148 -14.39 -5.89 7.48
C LYS A 148 -13.12 -5.97 6.65
N LEU A 149 -12.36 -7.03 6.81
CA LEU A 149 -11.09 -7.17 6.12
C LEU A 149 -11.32 -7.23 4.63
N THR A 150 -10.57 -6.41 3.89
CA THR A 150 -10.58 -6.42 2.42
C THR A 150 -9.18 -6.15 1.91
N TRP A 151 -9.00 -6.28 0.61
CA TRP A 151 -7.68 -6.01 0.04
C TRP A 151 -7.27 -4.55 0.24
N GLY A 152 -8.23 -3.66 0.45
CA GLY A 152 -7.93 -2.27 0.72
C GLY A 152 -7.11 -2.10 1.99
N ASP A 153 -7.35 -2.96 2.98
CA ASP A 153 -6.57 -2.88 4.22
C ASP A 153 -5.11 -3.22 4.00
N PHE A 154 -4.87 -4.11 3.03
CA PHE A 154 -3.53 -4.50 2.67
C PHE A 154 -2.78 -3.38 1.97
N VAL A 155 -3.47 -2.69 1.05
CA VAL A 155 -2.92 -1.48 0.42
C VAL A 155 -2.51 -0.47 1.51
N TYR A 156 -3.43 -0.21 2.44
CA TYR A 156 -3.16 0.76 3.49
C TYR A 156 -1.97 0.33 4.34
N ALA A 157 -1.98 -0.91 4.82
CA ALA A 157 -0.95 -1.37 5.73
C ALA A 157 0.42 -1.39 5.09
N GLY A 158 0.47 -1.76 3.82
CA GLY A 158 1.75 -1.84 3.15
C GLY A 158 2.43 -0.52 2.95
N MET A 159 1.65 0.51 2.68
CA MET A 159 2.23 1.84 2.42
C MET A 159 2.23 2.78 3.61
N TYR A 160 1.69 2.40 4.76
CA TYR A 160 1.43 3.38 5.82
C TYR A 160 2.71 4.10 6.29
N ASP A 161 3.78 3.36 6.49
CA ASP A 161 5.01 4.04 6.98
C ASP A 161 5.58 4.98 5.92
N TYR A 162 5.54 4.54 4.66
CA TYR A 162 5.95 5.38 3.53
C TYR A 162 5.11 6.65 3.45
N LEU A 163 3.80 6.50 3.55
CA LEU A 163 2.92 7.67 3.53
C LEU A 163 3.25 8.62 4.67
N LYS A 164 3.42 8.10 5.88
CA LYS A 164 3.76 8.98 6.99
C LYS A 164 5.05 9.70 6.77
N ALA A 165 6.03 9.05 6.18
CA ALA A 165 7.30 9.69 5.88
C ALA A 165 7.09 10.84 4.91
N MET A 166 6.31 10.63 3.86
CA MET A 166 6.07 11.69 2.88
C MET A 166 5.26 12.85 3.45
N LEU A 167 4.32 12.55 4.36
CA LEU A 167 3.54 13.59 5.03
C LEU A 167 4.35 14.36 6.05
N GLN A 168 5.46 13.80 6.51
CA GLN A 168 6.25 14.38 7.63
C GLN A 168 5.41 14.54 8.87
N LYS A 169 4.64 13.49 9.14
CA LYS A 169 3.81 13.37 10.31
C LYS A 169 4.01 11.97 10.86
N PRO A 170 5.20 11.73 11.45
CA PRO A 170 5.56 10.44 12.04
C PRO A 170 4.59 10.02 13.14
N ASP A 171 3.92 10.99 13.74
CA ASP A 171 3.09 10.82 14.93
C ASP A 171 1.61 10.93 14.60
N LEU A 172 1.27 10.74 13.33
CA LEU A 172 -0.09 10.98 12.85
C LEU A 172 -1.15 10.30 13.72
N GLU A 173 -0.90 9.02 14.03
CA GLU A 173 -1.88 8.22 14.79
C GLU A 173 -2.02 8.64 16.27
N GLN A 174 -1.17 9.54 16.78
CA GLN A 174 -1.47 10.15 18.09
C GLN A 174 -2.79 10.99 18.11
N LYS A 175 -2.97 11.86 17.11
CA LYS A 175 -4.21 12.60 16.99
C LYS A 175 -5.35 11.71 16.49
N TYR A 176 -5.00 10.72 15.65
CA TYR A 176 -5.98 9.90 14.97
C TYR A 176 -5.69 8.42 15.23
N PRO A 177 -6.07 7.94 16.43
CA PRO A 177 -5.76 6.54 16.76
C PRO A 177 -6.43 5.52 15.82
N ALA A 178 -7.49 5.88 15.13
CA ALA A 178 -8.08 4.98 14.16
C ALA A 178 -7.09 4.60 13.06
N PHE A 179 -6.10 5.45 12.80
CA PHE A 179 -5.22 5.24 11.66
C PHE A 179 -4.38 3.97 11.81
N ARG A 180 -4.24 3.42 13.00
CA ARG A 180 -3.42 2.20 13.08
C ARG A 180 -4.29 0.96 12.94
N LYS A 181 -5.60 1.10 12.87
CA LYS A 181 -6.48 -0.06 12.96
C LYS A 181 -6.40 -1.03 11.77
N PRO A 182 -6.26 -0.54 10.53
CA PRO A 182 -6.15 -1.54 9.44
C PRO A 182 -4.87 -2.32 9.52
N ILE A 183 -3.82 -1.71 10.06
CA ILE A 183 -2.52 -2.37 10.20
C ILE A 183 -2.66 -3.47 11.25
N GLU A 184 -3.32 -3.15 12.36
CA GLU A 184 -3.59 -4.16 13.39
C GLU A 184 -4.43 -5.30 12.85
N ALA A 185 -5.38 -5.01 11.97
CA ALA A 185 -6.26 -6.02 11.41
C ALA A 185 -5.46 -7.01 10.56
N VAL A 186 -4.55 -6.49 9.74
CA VAL A 186 -3.76 -7.31 8.86
C VAL A 186 -2.77 -8.14 9.68
N LEU A 187 -2.16 -7.52 10.69
CA LEU A 187 -1.17 -8.22 11.52
C LEU A 187 -1.79 -9.22 12.46
N ALA A 188 -3.11 -9.19 12.63
CA ALA A 188 -3.78 -10.17 13.48
C ALA A 188 -3.97 -11.49 12.77
N ILE A 189 -3.71 -11.53 11.48
CA ILE A 189 -3.84 -12.75 10.69
C ILE A 189 -2.54 -13.55 10.83
N PRO A 190 -2.59 -14.75 11.43
CA PRO A 190 -1.32 -15.43 11.73
C PRO A 190 -0.37 -15.61 10.54
N LYS A 191 -0.86 -16.01 9.38
CA LYS A 191 0.02 -16.19 8.22
C LYS A 191 0.71 -14.89 7.83
N VAL A 192 -0.01 -13.78 8.00
CA VAL A 192 0.55 -12.48 7.63
C VAL A 192 1.62 -12.07 8.65
N LYS A 193 1.29 -12.18 9.92
CA LYS A 193 2.27 -11.89 10.98
C LYS A 193 3.55 -12.72 10.83
N ALA A 194 3.41 -14.00 10.48
CA ALA A 194 4.58 -14.85 10.27
C ALA A 194 5.44 -14.36 9.13
N TYR A 195 4.83 -13.93 8.02
CA TYR A 195 5.59 -13.37 6.92
C TYR A 195 6.28 -12.07 7.39
N VAL A 196 5.57 -11.20 8.09
CA VAL A 196 6.17 -9.93 8.54
C VAL A 196 7.34 -10.20 9.48
N ASP A 197 7.20 -11.16 10.38
CA ASP A 197 8.29 -11.48 11.31
C ASP A 197 9.55 -11.95 10.59
N ALA A 198 9.37 -12.66 9.49
CA ALA A 198 10.47 -13.25 8.75
C ALA A 198 11.06 -12.32 7.72
N ALA A 199 10.34 -11.25 7.38
CA ALA A 199 10.72 -10.40 6.27
C ALA A 199 11.74 -9.33 6.67
N PRO A 200 12.58 -8.92 5.71
CA PRO A 200 13.48 -7.79 5.92
C PRO A 200 12.75 -6.55 6.36
N ARG A 201 13.33 -5.83 7.30
CA ARG A 201 12.78 -4.58 7.78
C ARG A 201 13.33 -3.38 7.06
N THR A 202 12.46 -2.41 6.78
CA THR A 202 12.92 -1.13 6.26
C THR A 202 12.10 0.00 6.85
N GLU A 203 12.66 1.21 6.79
CA GLU A 203 11.99 2.36 7.36
C GLU A 203 10.77 2.81 6.57
N LEU A 204 10.78 2.60 5.26
CA LEU A 204 9.69 3.00 4.35
C LEU A 204 9.15 1.78 3.62
#